data_6R7W
#
_entry.id   6R7W
#
_cell.length_a   40.610
_cell.length_b   66.490
_cell.length_c   96.220
_cell.angle_alpha   90.00
_cell.angle_beta   90.00
_cell.angle_gamma   90.00
#
_symmetry.space_group_name_H-M   'P 21 21 21'
#
loop_
_entity.id
_entity.type
_entity.pdbx_description
1 polymer Mirolysin
2 polymer 'Putative lipoprotein'
3 non-polymer 'CALCIUM ION'
4 non-polymer 'ZINC ION'
5 non-polymer ETHANOL
6 non-polymer 'CITRIC ACID'
7 water water
#
loop_
_entity_poly.entity_id
_entity_poly.type
_entity_poly.pdbx_seq_one_letter_code
_entity_poly.pdbx_strand_id
1 'polypeptide(L)'
;RSVPSSTILIPVVVHVVYNNSAQNISDAQIISQIQVLNEDFRRMNADQANTPSAFANLAGNANIEFKLARRDPNGNTTNG
ITRTSTSTETFSMEMDNVKFSNLGGNNAWNTRRYLNIWVCNLGDDLLGYAQFPFEFQTKPNTDGVVIHYKHFGRDGSAES
PYDKGRTATHEVGHWLDLRHIWGDDGGSCSGTDNIADTPNQGGYNEGCPSFPKTDHCTNTSPGVMFMNYMDYTYDACMNL
FTKGQVERMRSLFDTQTGIRREMQIYANELTNPLSFS
;
A
2 'polypeptide(L)' KRDPVYFIKLSTIK B
#
loop_
_chem_comp.id
_chem_comp.type
_chem_comp.name
_chem_comp.formula
CA non-polymer 'CALCIUM ION' 'Ca 2'
CIT non-polymer 'CITRIC ACID' 'C6 H8 O7'
EOH non-polymer ETHANOL 'C2 H6 O'
ZN non-polymer 'ZINC ION' 'Zn 2'
#
# COMPACT_ATOMS: atom_id res chain seq x y z
N PRO A 4 7.26 2.26 -23.31
CA PRO A 4 6.05 1.48 -23.56
C PRO A 4 5.98 0.24 -22.67
N SER A 5 4.75 -0.14 -22.23
CA SER A 5 4.57 -1.30 -21.37
C SER A 5 3.16 -1.88 -21.48
N SER A 6 3.05 -3.15 -21.17
CA SER A 6 1.79 -3.88 -21.13
C SER A 6 1.19 -3.72 -19.74
N THR A 7 -0.13 -3.74 -19.63
CA THR A 7 -0.76 -3.57 -18.32
C THR A 7 -0.66 -4.86 -17.53
N ILE A 8 -0.17 -4.76 -16.29
CA ILE A 8 -0.12 -5.89 -15.36
C ILE A 8 -1.43 -5.85 -14.58
N LEU A 9 -2.15 -6.96 -14.54
CA LEU A 9 -3.46 -7.03 -13.89
C LEU A 9 -3.37 -7.81 -12.58
N ILE A 10 -3.84 -7.18 -11.49
CA ILE A 10 -3.84 -7.75 -10.17
C ILE A 10 -5.26 -8.03 -9.68
N PRO A 11 -5.67 -9.30 -9.56
CA PRO A 11 -6.96 -9.60 -8.92
C PRO A 11 -6.84 -9.33 -7.43
N VAL A 12 -7.83 -8.65 -6.87
CA VAL A 12 -7.80 -8.28 -5.47
C VAL A 12 -8.96 -8.88 -4.71
N VAL A 13 -8.71 -9.36 -3.48
CA VAL A 13 -9.77 -9.71 -2.54
C VAL A 13 -9.56 -8.83 -1.30
N VAL A 14 -10.64 -8.18 -0.85
CA VAL A 14 -10.61 -7.37 0.35
C VAL A 14 -11.30 -8.15 1.46
N HIS A 15 -10.58 -8.38 2.56
CA HIS A 15 -11.12 -9.09 3.73
C HIS A 15 -11.38 -8.09 4.82
N VAL A 16 -12.65 -7.74 5.02
CA VAL A 16 -13.03 -6.84 6.10
C VAL A 16 -13.16 -7.71 7.35
N VAL A 17 -12.40 -7.42 8.40
CA VAL A 17 -12.46 -8.19 9.65
C VAL A 17 -12.87 -7.19 10.71
N TYR A 18 -14.10 -7.32 11.24
CA TYR A 18 -14.69 -6.28 12.08
C TYR A 18 -15.07 -6.78 13.46
N ASN A 19 -14.77 -5.95 14.45
CA ASN A 19 -15.06 -6.21 15.86
C ASN A 19 -16.28 -5.40 16.31
N ASN A 20 -16.76 -4.47 15.45
CA ASN A 20 -17.94 -3.67 15.73
C ASN A 20 -18.46 -3.18 14.38
N SER A 21 -19.63 -2.54 14.40
CA SER A 21 -20.25 -2.10 13.15
CA SER A 21 -20.26 -2.08 13.17
CA SER A 21 -20.30 -2.03 13.21
C SER A 21 -19.43 -1.02 12.46
N ALA A 22 -18.75 -0.14 13.21
CA ALA A 22 -17.94 0.93 12.59
C ALA A 22 -16.82 0.34 11.74
N GLN A 23 -16.32 -0.82 12.14
CA GLN A 23 -15.22 -1.46 11.42
C GLN A 23 -15.72 -2.22 10.19
N ASN A 24 -17.04 -2.46 10.07
CA ASN A 24 -17.57 -3.21 8.92
C ASN A 24 -17.81 -2.17 7.82
N ILE A 25 -16.72 -1.71 7.20
CA ILE A 25 -16.76 -0.57 6.29
C ILE A 25 -17.52 -0.89 5.01
N SER A 26 -18.05 0.15 4.37
CA SER A 26 -18.95 0.00 3.25
C SER A 26 -18.30 -0.49 1.96
N ASP A 27 -19.14 -1.09 1.09
CA ASP A 27 -18.67 -1.45 -0.25
C ASP A 27 -18.16 -0.20 -1.01
N ALA A 28 -18.86 0.95 -0.85
CA ALA A 28 -18.44 2.21 -1.49
C ALA A 28 -17.02 2.61 -1.00
N GLN A 29 -16.73 2.44 0.29
CA GLN A 29 -15.42 2.76 0.82
C GLN A 29 -14.36 1.83 0.20
N ILE A 30 -14.71 0.55 0.00
CA ILE A 30 -13.77 -0.41 -0.62
C ILE A 30 -13.55 -0.09 -2.09
N ILE A 31 -14.64 0.20 -2.85
CA ILE A 31 -14.53 0.57 -4.26
C ILE A 31 -13.64 1.82 -4.39
N SER A 32 -13.75 2.79 -3.44
CA SER A 32 -12.91 3.99 -3.53
C SER A 32 -11.41 3.64 -3.35
N GLN A 33 -11.07 2.63 -2.50
CA GLN A 33 -9.67 2.26 -2.36
C GLN A 33 -9.14 1.64 -3.65
N ILE A 34 -9.94 0.76 -4.30
CA ILE A 34 -9.48 0.17 -5.57
C ILE A 34 -9.30 1.28 -6.62
N GLN A 35 -10.17 2.29 -6.61
CA GLN A 35 -10.05 3.44 -7.51
CA GLN A 35 -10.04 3.44 -7.51
C GLN A 35 -8.71 4.18 -7.27
N VAL A 36 -8.37 4.45 -5.99
CA VAL A 36 -7.14 5.12 -5.64
C VAL A 36 -5.92 4.31 -6.12
N LEU A 37 -5.92 2.98 -5.89
CA LEU A 37 -4.77 2.19 -6.35
C LEU A 37 -4.64 2.31 -7.86
N ASN A 38 -5.75 2.24 -8.60
CA ASN A 38 -5.66 2.37 -10.07
C ASN A 38 -5.17 3.75 -10.47
N GLU A 39 -5.59 4.82 -9.80
CA GLU A 39 -5.10 6.15 -10.11
C GLU A 39 -3.60 6.26 -9.84
N ASP A 40 -3.14 5.78 -8.67
CA ASP A 40 -1.74 5.98 -8.31
C ASP A 40 -0.80 5.10 -9.10
N PHE A 41 -1.24 3.90 -9.47
CA PHE A 41 -0.39 2.99 -10.23
C PHE A 41 -0.54 3.11 -11.73
N ARG A 42 -1.38 4.05 -12.21
CA ARG A 42 -1.55 4.27 -13.65
C ARG A 42 -1.40 5.76 -13.98
N ARG A 43 -0.80 6.53 -13.04
CA ARG A 43 -0.60 7.98 -13.10
C ARG A 43 -1.87 8.70 -13.62
N MET A 44 -2.99 8.38 -12.97
CA MET A 44 -4.28 9.00 -13.24
CA MET A 44 -4.28 9.01 -13.24
C MET A 44 -4.75 9.77 -12.00
N ASN A 45 -3.87 9.89 -10.98
CA ASN A 45 -4.21 10.65 -9.78
C ASN A 45 -4.25 12.13 -10.14
N ALA A 46 -5.35 12.82 -9.83
CA ALA A 46 -5.46 14.25 -10.15
C ALA A 46 -4.38 15.05 -9.45
N ASP A 47 -3.97 14.64 -8.24
CA ASP A 47 -2.96 15.41 -7.54
C ASP A 47 -1.53 15.24 -8.12
N GLN A 48 -1.38 14.58 -9.28
CA GLN A 48 -0.11 14.61 -10.02
C GLN A 48 0.17 16.09 -10.39
N ALA A 49 -0.88 16.95 -10.41
CA ALA A 49 -0.71 18.39 -10.64
C ALA A 49 0.17 19.02 -9.54
N ASN A 50 0.29 18.35 -8.35
CA ASN A 50 1.08 18.83 -7.23
C ASN A 50 2.53 18.34 -7.29
N THR A 51 2.87 17.40 -8.17
CA THR A 51 4.25 16.95 -8.26
C THR A 51 5.12 18.14 -8.70
N PRO A 52 6.23 18.44 -8.01
CA PRO A 52 7.09 19.57 -8.45
C PRO A 52 7.57 19.35 -9.87
N SER A 53 7.65 20.43 -10.67
CA SER A 53 8.10 20.34 -12.05
C SER A 53 9.50 19.73 -12.13
N ALA A 54 10.35 19.94 -11.08
CA ALA A 54 11.72 19.40 -11.06
C ALA A 54 11.72 17.86 -11.04
N PHE A 55 10.62 17.23 -10.59
CA PHE A 55 10.53 15.77 -10.55
C PHE A 55 9.59 15.21 -11.62
N ALA A 56 8.95 16.09 -12.42
CA ALA A 56 7.97 15.65 -13.41
C ALA A 56 8.53 14.64 -14.40
N ASN A 57 9.77 14.82 -14.91
CA ASN A 57 10.34 13.88 -15.88
C ASN A 57 10.78 12.57 -15.25
N LEU A 58 10.71 12.48 -13.90
CA LEU A 58 11.06 11.24 -13.21
C LEU A 58 9.81 10.49 -12.77
N ALA A 59 8.62 11.08 -12.90
CA ALA A 59 7.41 10.43 -12.43
C ALA A 59 7.05 9.24 -13.27
N GLY A 60 6.68 8.16 -12.60
CA GLY A 60 6.44 6.89 -13.27
C GLY A 60 4.99 6.48 -13.34
N ASN A 61 4.64 5.86 -14.46
CA ASN A 61 3.32 5.27 -14.67
C ASN A 61 3.56 3.77 -14.59
N ALA A 62 3.15 3.15 -13.47
CA ALA A 62 3.44 1.72 -13.30
C ALA A 62 2.69 0.82 -14.26
N ASN A 63 1.56 1.30 -14.82
CA ASN A 63 0.69 0.54 -15.70
C ASN A 63 0.35 -0.80 -15.04
N ILE A 64 -0.08 -0.72 -13.75
CA ILE A 64 -0.55 -1.85 -12.97
C ILE A 64 -1.99 -1.53 -12.62
N GLU A 65 -2.89 -2.44 -13.01
CA GLU A 65 -4.32 -2.32 -12.80
C GLU A 65 -4.77 -3.29 -11.72
N PHE A 66 -5.72 -2.84 -10.89
CA PHE A 66 -6.29 -3.64 -9.81
C PHE A 66 -7.77 -3.83 -10.05
N LYS A 67 -8.23 -5.07 -9.96
CA LYS A 67 -9.67 -5.35 -10.12
C LYS A 67 -10.11 -6.31 -9.05
N LEU A 68 -11.28 -6.06 -8.44
CA LEU A 68 -11.82 -7.04 -7.50
C LEU A 68 -12.04 -8.38 -8.17
N ALA A 69 -11.67 -9.46 -7.47
CA ALA A 69 -11.85 -10.83 -7.98
C ALA A 69 -13.34 -11.16 -8.12
N ARG A 70 -13.67 -11.98 -9.12
CA ARG A 70 -15.05 -12.40 -9.37
C ARG A 70 -15.19 -13.91 -9.25
N ARG A 71 -14.06 -14.62 -9.05
CA ARG A 71 -14.04 -16.07 -8.83
C ARG A 71 -13.10 -16.33 -7.70
N ASP A 72 -13.59 -17.04 -6.67
CA ASP A 72 -12.80 -17.31 -5.47
C ASP A 72 -11.95 -18.61 -5.67
N PRO A 73 -11.09 -19.00 -4.68
CA PRO A 73 -10.19 -20.15 -4.90
C PRO A 73 -10.89 -21.49 -5.04
N ASN A 74 -12.19 -21.55 -4.64
CA ASN A 74 -13.01 -22.75 -4.77
C ASN A 74 -13.78 -22.76 -6.09
N GLY A 75 -13.59 -21.71 -6.89
CA GLY A 75 -14.26 -21.59 -8.19
C GLY A 75 -15.65 -21.00 -8.10
N ASN A 76 -16.03 -20.54 -6.91
CA ASN A 76 -17.34 -19.95 -6.65
C ASN A 76 -17.36 -18.45 -6.98
N THR A 77 -18.54 -17.94 -7.36
CA THR A 77 -18.68 -16.53 -7.68
C THR A 77 -18.48 -15.68 -6.43
N THR A 78 -17.91 -14.48 -6.63
CA THR A 78 -17.66 -13.55 -5.54
C THR A 78 -17.70 -12.15 -6.08
N ASN A 79 -17.86 -11.16 -5.19
CA ASN A 79 -17.73 -9.74 -5.57
C ASN A 79 -16.30 -9.24 -5.16
N GLY A 80 -15.50 -10.13 -4.58
CA GLY A 80 -14.13 -9.83 -4.18
C GLY A 80 -14.02 -9.21 -2.80
N ILE A 81 -15.10 -9.29 -2.00
CA ILE A 81 -15.14 -8.74 -0.64
C ILE A 81 -15.62 -9.81 0.30
N THR A 82 -14.86 -10.07 1.37
CA THR A 82 -15.27 -10.98 2.43
C THR A 82 -15.47 -10.15 3.69
N ARG A 83 -16.42 -10.58 4.55
CA ARG A 83 -16.73 -9.88 5.79
C ARG A 83 -16.76 -10.89 6.89
N THR A 84 -15.88 -10.71 7.89
CA THR A 84 -15.74 -11.65 9.01
C THR A 84 -15.85 -10.93 10.32
N SER A 85 -16.85 -11.33 11.16
CA SER A 85 -16.96 -10.77 12.51
CA SER A 85 -16.95 -10.76 12.50
C SER A 85 -15.87 -11.38 13.39
N THR A 86 -15.34 -10.63 14.35
CA THR A 86 -14.32 -11.15 15.24
C THR A 86 -14.47 -10.64 16.65
N SER A 87 -13.97 -11.42 17.62
CA SER A 87 -13.92 -10.99 19.01
CA SER A 87 -13.91 -11.00 19.01
C SER A 87 -12.56 -10.33 19.32
N THR A 88 -11.61 -10.32 18.34
CA THR A 88 -10.32 -9.66 18.54
C THR A 88 -10.53 -8.15 18.44
N GLU A 89 -10.06 -7.40 19.44
CA GLU A 89 -10.27 -5.95 19.49
C GLU A 89 -9.25 -5.19 18.64
N THR A 90 -7.97 -5.61 18.68
CA THR A 90 -6.88 -5.03 17.89
C THR A 90 -6.02 -6.14 17.38
N PHE A 91 -5.71 -6.14 16.08
CA PHE A 91 -4.85 -7.16 15.49
C PHE A 91 -3.40 -6.78 15.64
N SER A 92 -2.54 -7.79 15.58
CA SER A 92 -1.12 -7.66 15.82
C SER A 92 -0.32 -7.95 14.57
N MET A 93 0.58 -7.02 14.21
CA MET A 93 1.46 -7.26 13.07
CA MET A 93 1.49 -7.21 13.09
C MET A 93 2.43 -8.42 13.38
N GLU A 94 2.90 -8.55 14.64
CA GLU A 94 3.80 -9.65 15.03
C GLU A 94 3.15 -11.02 14.86
N MET A 95 1.86 -11.15 15.21
CA MET A 95 1.17 -12.43 15.13
C MET A 95 0.59 -12.72 13.75
N ASP A 96 0.32 -11.67 12.91
CA ASP A 96 -0.38 -11.85 11.63
C ASP A 96 -1.73 -12.56 11.88
N ASN A 97 -2.35 -12.31 13.06
CA ASN A 97 -3.60 -12.98 13.41
C ASN A 97 -4.77 -12.58 12.50
N VAL A 98 -4.69 -11.42 11.80
CA VAL A 98 -5.79 -11.06 10.91
C VAL A 98 -5.83 -11.97 9.69
N LYS A 99 -4.71 -12.69 9.43
CA LYS A 99 -4.55 -13.51 8.22
C LYS A 99 -4.97 -14.98 8.44
N PHE A 100 -5.54 -15.34 9.62
CA PHE A 100 -5.95 -16.71 9.88
C PHE A 100 -7.26 -16.74 10.56
N SER A 101 -8.24 -17.48 10.00
CA SER A 101 -9.52 -17.52 10.72
C SER A 101 -9.41 -18.22 12.08
N ASN A 102 -8.41 -19.09 12.28
CA ASN A 102 -8.20 -19.72 13.60
C ASN A 102 -7.82 -18.70 14.65
N LEU A 103 -7.25 -17.58 14.22
CA LEU A 103 -6.77 -16.55 15.15
C LEU A 103 -7.66 -15.32 15.14
N GLY A 104 -8.88 -15.45 14.63
CA GLY A 104 -9.84 -14.36 14.64
C GLY A 104 -9.91 -13.54 13.38
N GLY A 105 -9.14 -13.92 12.38
CA GLY A 105 -9.13 -13.18 11.11
C GLY A 105 -9.77 -13.96 9.97
N ASN A 106 -9.13 -13.93 8.79
CA ASN A 106 -9.64 -14.64 7.62
C ASN A 106 -8.44 -15.17 6.83
N ASN A 107 -8.46 -16.47 6.46
CA ASN A 107 -7.36 -17.04 5.67
C ASN A 107 -7.19 -16.33 4.34
N ALA A 108 -5.93 -16.27 3.89
CA ALA A 108 -5.65 -15.71 2.58
C ALA A 108 -6.22 -16.60 1.48
N TRP A 109 -6.62 -15.95 0.38
CA TRP A 109 -6.96 -16.62 -0.85
C TRP A 109 -5.66 -16.79 -1.63
N ASN A 110 -5.42 -18.00 -2.20
CA ASN A 110 -4.24 -18.37 -2.97
C ASN A 110 -3.38 -17.15 -3.34
N THR A 111 -2.32 -16.89 -2.55
CA THR A 111 -1.51 -15.67 -2.71
C THR A 111 -0.67 -15.67 -4.00
N ARG A 112 -0.62 -16.80 -4.74
CA ARG A 112 0.02 -16.80 -6.04
C ARG A 112 -0.90 -16.13 -7.08
N ARG A 113 -2.23 -16.05 -6.82
CA ARG A 113 -3.18 -15.56 -7.82
C ARG A 113 -3.98 -14.35 -7.39
N TYR A 114 -4.01 -14.03 -6.09
CA TYR A 114 -4.74 -12.88 -5.60
C TYR A 114 -3.90 -12.03 -4.71
N LEU A 115 -4.08 -10.70 -4.82
CA LEU A 115 -3.57 -9.78 -3.80
C LEU A 115 -4.62 -9.74 -2.70
N ASN A 116 -4.25 -10.14 -1.49
CA ASN A 116 -5.15 -10.09 -0.34
C ASN A 116 -4.94 -8.81 0.40
N ILE A 117 -6.04 -8.06 0.61
CA ILE A 117 -5.98 -6.83 1.39
C ILE A 117 -6.88 -7.00 2.61
N TRP A 118 -6.30 -7.17 3.79
CA TRP A 118 -7.11 -7.25 5.01
C TRP A 118 -7.35 -5.87 5.58
N VAL A 119 -8.55 -5.63 6.08
CA VAL A 119 -8.94 -4.34 6.66
C VAL A 119 -9.42 -4.61 8.07
N CYS A 120 -8.79 -3.95 9.06
CA CYS A 120 -9.07 -4.27 10.45
C CYS A 120 -8.59 -3.14 11.36
N ASN A 121 -8.79 -3.34 12.68
CA ASN A 121 -8.30 -2.41 13.66
C ASN A 121 -6.86 -2.77 13.97
N LEU A 122 -5.96 -1.78 13.79
CA LEU A 122 -4.52 -1.94 14.12
C LEU A 122 -4.17 -1.03 15.26
N GLY A 123 -3.05 -1.31 15.91
CA GLY A 123 -2.71 -0.57 17.11
C GLY A 123 -1.89 0.69 16.93
N ASP A 124 -2.21 1.65 17.78
CA ASP A 124 -1.51 2.90 17.97
C ASP A 124 -1.21 3.61 16.64
N ASP A 125 0.08 3.85 16.29
CA ASP A 125 0.43 4.64 15.13
C ASP A 125 0.59 3.82 13.86
N LEU A 126 0.17 2.53 13.87
CA LEU A 126 0.28 1.71 12.68
C LEU A 126 -0.91 1.93 11.74
N LEU A 127 -0.62 2.41 10.53
CA LEU A 127 -1.64 2.67 9.52
C LEU A 127 -1.91 1.43 8.67
N GLY A 128 -0.90 0.57 8.50
CA GLY A 128 -1.05 -0.63 7.68
C GLY A 128 0.29 -1.32 7.59
N TYR A 129 0.31 -2.56 7.08
CA TYR A 129 1.60 -3.22 6.92
C TYR A 129 1.56 -4.23 5.79
N ALA A 130 2.74 -4.58 5.26
CA ALA A 130 2.85 -5.45 4.10
C ALA A 130 3.79 -6.61 4.39
N GLN A 131 3.82 -7.57 3.48
CA GLN A 131 4.83 -8.59 3.48
C GLN A 131 5.61 -8.41 2.18
N PHE A 132 6.95 -8.43 2.27
CA PHE A 132 7.83 -8.20 1.13
C PHE A 132 8.01 -9.47 0.28
N PRO A 133 8.33 -9.31 -1.02
CA PRO A 133 8.47 -10.49 -1.91
C PRO A 133 9.53 -11.48 -1.44
N PHE A 134 10.59 -11.06 -0.68
CA PHE A 134 11.62 -12.03 -0.28
C PHE A 134 11.07 -13.12 0.65
N GLU A 135 9.89 -12.86 1.29
CA GLU A 135 9.27 -13.84 2.18
C GLU A 135 8.21 -14.67 1.47
N PHE A 136 8.03 -14.53 0.15
CA PHE A 136 6.96 -15.23 -0.56
C PHE A 136 7.11 -16.74 -0.59
N GLN A 137 8.35 -17.26 -0.70
CA GLN A 137 8.55 -18.70 -0.73
C GLN A 137 8.38 -19.33 0.64
N THR A 138 8.87 -18.67 1.70
CA THR A 138 8.83 -19.22 3.06
C THR A 138 7.52 -18.93 3.80
N LYS A 139 6.85 -17.79 3.51
CA LYS A 139 5.62 -17.38 4.20
C LYS A 139 4.51 -17.09 3.18
N PRO A 140 4.18 -18.05 2.29
CA PRO A 140 3.15 -17.75 1.28
C PRO A 140 1.78 -17.39 1.84
N ASN A 141 1.35 -17.98 2.97
CA ASN A 141 -0.01 -17.76 3.45
C ASN A 141 -0.22 -16.42 4.14
N THR A 142 0.86 -15.67 4.37
CA THR A 142 0.71 -14.35 4.98
C THR A 142 1.10 -13.24 4.00
N ASP A 143 1.35 -13.57 2.73
CA ASP A 143 1.65 -12.54 1.74
C ASP A 143 0.42 -11.68 1.47
N GLY A 144 0.64 -10.37 1.36
CA GLY A 144 -0.43 -9.43 1.11
C GLY A 144 -0.26 -8.20 1.96
N VAL A 145 -1.36 -7.44 2.13
CA VAL A 145 -1.33 -6.14 2.77
C VAL A 145 -2.45 -6.03 3.79
N VAL A 146 -2.21 -5.30 4.90
CA VAL A 146 -3.21 -5.07 5.93
C VAL A 146 -3.32 -3.57 6.10
N ILE A 147 -4.56 -3.05 6.13
CA ILE A 147 -4.78 -1.61 6.29
C ILE A 147 -5.71 -1.36 7.45
N HIS A 148 -5.41 -0.35 8.29
CA HIS A 148 -6.28 0.09 9.37
C HIS A 148 -7.61 0.55 8.76
N TYR A 149 -8.73 0.10 9.33
CA TYR A 149 -10.03 0.46 8.78
C TYR A 149 -10.28 1.96 8.76
N LYS A 150 -9.62 2.74 9.65
CA LYS A 150 -9.80 4.19 9.63
C LYS A 150 -9.01 4.86 8.49
N HIS A 151 -8.20 4.11 7.74
CA HIS A 151 -7.33 4.71 6.73
C HIS A 151 -7.39 3.91 5.45
N PHE A 152 -8.59 3.40 5.17
CA PHE A 152 -8.92 2.61 3.96
C PHE A 152 -9.89 3.37 3.13
N GLY A 153 -9.58 3.50 1.85
CA GLY A 153 -10.43 4.27 0.96
C GLY A 153 -10.20 5.77 1.05
N ARG A 154 -10.93 6.52 0.24
CA ARG A 154 -10.79 7.95 0.12
C ARG A 154 -12.03 8.63 0.69
N ASP A 155 -11.80 9.63 1.57
CA ASP A 155 -12.88 10.39 2.24
C ASP A 155 -13.83 9.38 2.92
N GLY A 156 -15.13 9.60 2.93
CA GLY A 156 -16.00 8.63 3.55
C GLY A 156 -15.68 8.41 5.01
N SER A 157 -15.45 7.14 5.38
CA SER A 157 -15.14 6.79 6.76
C SER A 157 -13.65 6.93 7.09
N ALA A 158 -12.80 7.31 6.12
CA ALA A 158 -11.36 7.44 6.39
C ALA A 158 -11.09 8.75 7.13
N GLU A 159 -10.08 8.72 8.00
CA GLU A 159 -9.78 9.82 8.91
C GLU A 159 -8.55 10.58 8.50
N SER A 160 -8.71 11.90 8.43
CA SER A 160 -7.65 12.84 8.13
C SER A 160 -6.55 12.73 9.19
N PRO A 161 -5.27 12.86 8.81
CA PRO A 161 -4.73 13.27 7.50
C PRO A 161 -4.37 12.09 6.60
N TYR A 162 -4.82 10.88 6.93
CA TYR A 162 -4.53 9.71 6.09
C TYR A 162 -5.88 9.18 5.56
N ASP A 163 -6.48 10.03 4.73
CA ASP A 163 -7.84 9.86 4.25
C ASP A 163 -7.96 9.91 2.72
N LYS A 164 -6.88 9.69 1.99
CA LYS A 164 -6.98 9.69 0.51
C LYS A 164 -6.54 8.33 -0.07
N GLY A 165 -6.53 7.28 0.77
CA GLY A 165 -6.23 5.91 0.35
C GLY A 165 -4.76 5.65 0.04
N ARG A 166 -3.84 6.51 0.52
CA ARG A 166 -2.43 6.34 0.19
C ARG A 166 -1.70 5.37 1.14
N THR A 167 -2.32 4.95 2.25
CA THR A 167 -1.67 3.91 3.08
C THR A 167 -1.56 2.65 2.22
N ALA A 168 -2.66 2.32 1.51
CA ALA A 168 -2.63 1.16 0.65
C ALA A 168 -1.66 1.33 -0.53
N THR A 169 -1.55 2.54 -1.11
CA THR A 169 -0.56 2.73 -2.18
C THR A 169 0.83 2.43 -1.67
N HIS A 170 1.16 2.95 -0.49
CA HIS A 170 2.46 2.74 0.14
C HIS A 170 2.70 1.23 0.43
N GLU A 171 1.69 0.54 1.02
CA GLU A 171 1.85 -0.88 1.34
C GLU A 171 1.93 -1.73 0.11
N VAL A 172 1.14 -1.42 -0.94
CA VAL A 172 1.25 -2.19 -2.19
C VAL A 172 2.64 -1.96 -2.78
N GLY A 173 3.18 -0.76 -2.61
CA GLY A 173 4.57 -0.50 -3.01
C GLY A 173 5.54 -1.48 -2.35
N HIS A 174 5.43 -1.68 -1.02
CA HIS A 174 6.29 -2.65 -0.31
C HIS A 174 6.04 -4.09 -0.79
N TRP A 175 4.75 -4.45 -1.03
CA TRP A 175 4.37 -5.77 -1.51
C TRP A 175 5.01 -5.98 -2.90
N LEU A 176 5.29 -4.87 -3.60
CA LEU A 176 5.95 -4.89 -4.89
C LEU A 176 7.45 -4.49 -4.79
N ASP A 177 8.07 -4.77 -3.62
CA ASP A 177 9.52 -4.71 -3.39
C ASP A 177 10.08 -3.31 -3.16
N LEU A 178 9.25 -2.27 -3.06
CA LEU A 178 9.84 -0.96 -2.78
C LEU A 178 10.18 -0.79 -1.31
N ARG A 179 11.28 -0.08 -1.06
CA ARG A 179 11.70 0.26 0.30
C ARG A 179 11.53 1.75 0.55
N HIS A 180 11.50 2.10 1.83
CA HIS A 180 11.42 3.51 2.24
C HIS A 180 12.46 4.33 1.52
N ILE A 181 12.03 5.49 1.02
CA ILE A 181 12.91 6.33 0.20
C ILE A 181 14.15 6.80 0.98
N TRP A 182 14.06 6.92 2.30
CA TRP A 182 15.20 7.39 3.11
C TRP A 182 16.17 6.25 3.46
N GLY A 183 15.83 5.01 3.13
CA GLY A 183 16.77 3.91 3.37
C GLY A 183 16.78 3.25 4.75
N ASP A 184 15.81 3.59 5.65
CA ASP A 184 15.64 2.92 6.96
C ASP A 184 16.94 2.93 7.75
N ASP A 185 17.57 4.07 7.79
CA ASP A 185 18.88 4.21 8.42
C ASP A 185 18.90 5.32 9.49
N GLY A 186 17.71 5.69 9.97
CA GLY A 186 17.54 6.66 11.05
C GLY A 186 18.05 8.07 10.84
N GLY A 187 18.16 8.48 9.58
CA GLY A 187 18.60 9.84 9.28
C GLY A 187 19.93 9.95 8.60
N SER A 188 20.67 8.82 8.51
CA SER A 188 22.00 8.86 7.91
CA SER A 188 22.00 8.77 7.90
C SER A 188 21.92 8.90 6.38
N CYS A 189 23.07 9.02 5.72
CA CYS A 189 23.09 9.05 4.26
C CYS A 189 23.56 7.72 3.70
N SER A 190 23.84 6.72 4.56
CA SER A 190 24.45 5.47 4.09
C SER A 190 23.48 4.37 3.69
N GLY A 191 22.24 4.44 4.17
CA GLY A 191 21.23 3.48 3.75
C GLY A 191 20.74 3.85 2.36
N THR A 192 20.06 2.91 1.72
CA THR A 192 19.58 3.12 0.36
C THR A 192 18.24 2.48 0.16
N ASP A 193 17.48 2.99 -0.83
CA ASP A 193 16.26 2.30 -1.22
C ASP A 193 16.54 1.52 -2.52
N ASN A 194 17.81 1.52 -2.99
CA ASN A 194 18.25 0.84 -4.22
C ASN A 194 17.45 1.32 -5.44
N ILE A 195 17.10 2.61 -5.47
CA ILE A 195 16.48 3.29 -6.61
C ILE A 195 17.31 4.53 -6.89
N ALA A 196 17.95 4.56 -8.07
CA ALA A 196 18.85 5.65 -8.39
C ALA A 196 18.16 6.99 -8.58
N ASP A 197 16.90 7.02 -9.10
CA ASP A 197 16.23 8.28 -9.36
C ASP A 197 15.45 8.84 -8.17
N THR A 198 15.52 8.16 -7.01
CA THR A 198 15.02 8.79 -5.77
C THR A 198 16.26 9.40 -5.11
N PRO A 199 16.28 10.72 -4.92
CA PRO A 199 17.47 11.36 -4.31
C PRO A 199 17.82 10.77 -2.95
N ASN A 200 19.10 10.64 -2.65
CA ASN A 200 19.51 10.14 -1.33
C ASN A 200 18.89 11.06 -0.26
N GLN A 201 18.34 10.45 0.78
CA GLN A 201 17.57 11.19 1.78
C GLN A 201 17.95 10.70 3.14
N GLY A 202 18.04 11.62 4.09
CA GLY A 202 18.44 11.32 5.46
C GLY A 202 17.42 10.47 6.16
N GLY A 203 16.40 11.13 6.70
CA GLY A 203 15.33 10.43 7.40
C GLY A 203 13.99 10.58 6.74
N TYR A 204 12.94 10.05 7.38
CA TYR A 204 11.61 10.22 6.79
C TYR A 204 11.10 11.65 6.95
N ASN A 205 10.13 11.95 6.09
CA ASN A 205 9.37 13.20 6.15
C ASN A 205 7.99 12.94 6.67
N GLU A 206 7.35 13.98 7.23
CA GLU A 206 6.01 13.87 7.79
C GLU A 206 5.18 15.07 7.40
N GLY A 207 3.87 14.95 7.55
CA GLY A 207 3.02 16.08 7.25
C GLY A 207 3.05 16.50 5.80
N CYS A 208 3.08 17.81 5.57
CA CYS A 208 3.11 18.39 4.23
C CYS A 208 4.30 19.36 4.11
N PRO A 209 5.48 18.82 3.78
CA PRO A 209 6.69 19.68 3.69
C PRO A 209 6.63 20.71 2.58
N SER A 210 7.53 21.68 2.69
CA SER A 210 7.69 22.77 1.73
C SER A 210 8.81 22.43 0.77
N PHE A 211 8.54 22.65 -0.53
CA PHE A 211 9.47 22.38 -1.60
C PHE A 211 10.26 23.64 -2.00
N PRO A 212 11.59 23.51 -2.20
CA PRO A 212 12.41 22.29 -2.05
C PRO A 212 12.86 22.07 -0.61
N LYS A 213 13.02 20.78 -0.27
CA LYS A 213 13.51 20.39 1.05
CA LYS A 213 13.51 20.39 1.05
C LYS A 213 14.84 19.68 0.87
N THR A 214 15.92 20.36 1.20
CA THR A 214 17.23 19.75 1.11
C THR A 214 17.56 19.16 2.47
N ASP A 215 18.53 18.24 2.51
CA ASP A 215 18.99 17.67 3.76
C ASP A 215 20.49 17.36 3.59
N HIS A 216 21.15 16.75 4.58
CA HIS A 216 22.58 16.54 4.42
C HIS A 216 22.95 15.52 3.33
N CYS A 217 21.99 14.71 2.87
CA CYS A 217 22.23 13.74 1.80
C CYS A 217 22.07 14.35 0.40
N THR A 218 21.05 15.19 0.19
CA THR A 218 20.81 15.92 -1.06
C THR A 218 20.72 17.36 -0.64
N ASN A 219 21.86 18.07 -0.68
CA ASN A 219 21.93 19.40 -0.10
C ASN A 219 21.61 20.55 -1.06
N THR A 220 21.22 20.24 -2.29
CA THR A 220 20.87 21.29 -3.25
C THR A 220 19.50 21.01 -3.85
N SER A 221 18.81 22.09 -4.28
CA SER A 221 17.53 21.99 -4.96
C SER A 221 17.67 21.07 -6.18
N PRO A 222 16.70 20.16 -6.46
CA PRO A 222 15.36 20.09 -5.88
C PRO A 222 15.21 19.30 -4.59
N GLY A 223 16.30 18.93 -3.94
CA GLY A 223 16.21 18.24 -2.66
C GLY A 223 15.61 16.86 -2.71
N VAL A 224 14.94 16.52 -1.61
CA VAL A 224 14.43 15.17 -1.41
C VAL A 224 12.98 15.05 -1.88
N MET A 225 12.63 13.84 -2.35
CA MET A 225 11.31 13.62 -2.92
CA MET A 225 11.29 13.57 -2.90
C MET A 225 10.32 13.21 -1.79
N PHE A 226 9.99 14.17 -0.92
CA PHE A 226 9.10 13.89 0.21
C PHE A 226 7.67 13.59 -0.19
N MET A 227 7.32 13.83 -1.46
CA MET A 227 5.98 13.59 -1.97
C MET A 227 5.92 12.22 -2.67
N ASN A 228 7.00 11.42 -2.53
CA ASN A 228 6.99 10.05 -3.03
C ASN A 228 6.10 9.22 -2.14
N TYR A 229 5.36 8.26 -2.72
CA TYR A 229 4.46 7.42 -1.89
C TYR A 229 5.20 6.60 -0.84
N MET A 230 6.53 6.39 -1.02
CA MET A 230 7.31 5.57 -0.10
C MET A 230 7.94 6.37 1.01
N ASP A 231 7.49 7.62 1.21
CA ASP A 231 7.86 8.40 2.37
C ASP A 231 6.74 8.24 3.44
N TYR A 232 6.77 9.05 4.53
CA TYR A 232 5.81 8.96 5.63
C TYR A 232 4.94 10.22 5.71
N THR A 233 4.85 10.96 4.61
CA THR A 233 4.06 12.19 4.58
C THR A 233 2.56 11.91 4.53
N TYR A 234 1.79 12.97 4.75
CA TYR A 234 0.32 12.91 4.70
C TYR A 234 -0.18 12.50 3.33
N ASP A 235 -1.32 11.79 3.31
CA ASP A 235 -1.87 11.30 2.03
C ASP A 235 -2.00 12.36 0.93
N ALA A 236 -2.48 13.56 1.28
CA ALA A 236 -2.74 14.59 0.26
C ALA A 236 -1.44 15.25 -0.19
N CYS A 237 -0.33 14.88 0.43
CA CYS A 237 0.94 15.49 0.08
C CYS A 237 1.90 14.52 -0.56
N MET A 238 1.40 13.34 -0.96
CA MET A 238 2.23 12.41 -1.72
C MET A 238 1.51 12.18 -3.04
N ASN A 239 2.26 12.13 -4.15
CA ASN A 239 1.64 12.12 -5.48
C ASN A 239 2.48 11.46 -6.58
N LEU A 240 3.56 10.71 -6.24
CA LEU A 240 4.24 9.98 -7.30
C LEU A 240 5.02 8.80 -6.84
N PHE A 241 5.18 7.86 -7.77
CA PHE A 241 6.25 6.88 -7.85
C PHE A 241 7.21 7.41 -8.90
N THR A 242 8.50 7.01 -8.83
CA THR A 242 9.41 7.34 -9.92
C THR A 242 9.43 6.24 -10.98
N LYS A 243 10.05 6.56 -12.13
CA LYS A 243 10.26 5.58 -13.20
C LYS A 243 11.15 4.41 -12.68
N GLY A 244 12.15 4.72 -11.83
CA GLY A 244 12.99 3.67 -11.23
C GLY A 244 12.23 2.74 -10.30
N GLN A 245 11.28 3.31 -9.50
CA GLN A 245 10.45 2.47 -8.65
C GLN A 245 9.53 1.60 -9.50
N VAL A 246 8.96 2.17 -10.59
CA VAL A 246 8.11 1.39 -11.53
C VAL A 246 8.92 0.21 -12.09
N GLU A 247 10.19 0.44 -12.50
CA GLU A 247 11.01 -0.65 -13.04
C GLU A 247 11.16 -1.79 -12.02
N ARG A 248 11.40 -1.45 -10.75
CA ARG A 248 11.58 -2.45 -9.72
C ARG A 248 10.27 -3.22 -9.49
N MET A 249 9.13 -2.50 -9.38
CA MET A 249 7.86 -3.18 -9.14
C MET A 249 7.47 -4.12 -10.28
N ARG A 250 7.62 -3.64 -11.53
CA ARG A 250 7.22 -4.46 -12.68
C ARG A 250 8.10 -5.68 -12.87
N SER A 251 9.35 -5.63 -12.39
CA SER A 251 10.28 -6.76 -12.54
C SER A 251 9.74 -8.03 -11.86
N LEU A 252 8.86 -7.86 -10.84
CA LEU A 252 8.27 -9.01 -10.15
C LEU A 252 7.34 -9.82 -11.04
N PHE A 253 6.95 -9.27 -12.20
CA PHE A 253 6.02 -9.93 -13.13
C PHE A 253 6.74 -10.40 -14.38
N ASP A 254 8.09 -10.38 -14.39
CA ASP A 254 8.84 -10.95 -15.51
C ASP A 254 8.32 -12.39 -15.76
N THR A 255 7.96 -12.70 -17.01
CA THR A 255 7.32 -13.98 -17.35
C THR A 255 8.19 -15.21 -17.07
N GLN A 256 9.51 -15.02 -16.97
CA GLN A 256 10.39 -16.14 -16.69
C GLN A 256 10.95 -16.15 -15.27
N THR A 257 11.28 -14.98 -14.71
CA THR A 257 11.92 -14.93 -13.38
C THR A 257 11.14 -14.22 -12.30
N GLY A 258 10.03 -13.57 -12.66
CA GLY A 258 9.28 -12.77 -11.69
C GLY A 258 8.74 -13.56 -10.52
N ILE A 259 9.02 -13.09 -9.28
CA ILE A 259 8.51 -13.78 -8.08
C ILE A 259 6.99 -13.90 -8.16
N ARG A 260 6.34 -12.87 -8.73
CA ARG A 260 4.88 -12.83 -8.78
C ARG A 260 4.35 -13.11 -10.19
N ARG A 261 5.13 -13.79 -11.04
CA ARG A 261 4.69 -14.04 -12.41
C ARG A 261 3.41 -14.87 -12.51
N GLU A 262 3.15 -15.78 -11.56
CA GLU A 262 1.98 -16.64 -11.62
C GLU A 262 0.67 -15.84 -11.61
N MET A 263 0.69 -14.65 -10.98
CA MET A 263 -0.53 -13.86 -10.87
CA MET A 263 -0.47 -13.75 -10.86
C MET A 263 -1.07 -13.43 -12.24
N GLN A 264 -0.21 -13.30 -13.25
CA GLN A 264 -0.71 -12.90 -14.56
C GLN A 264 -1.37 -14.01 -15.36
N ILE A 265 -1.12 -15.27 -15.03
CA ILE A 265 -1.63 -16.39 -15.82
CA ILE A 265 -1.63 -16.42 -15.78
C ILE A 265 -3.16 -16.44 -15.81
N TYR A 266 -3.80 -16.31 -14.63
CA TYR A 266 -5.23 -16.44 -14.39
CA TYR A 266 -5.27 -16.39 -14.61
C TYR A 266 -5.91 -15.09 -14.16
N ALA A 267 -5.15 -13.96 -14.18
CA ALA A 267 -5.73 -12.68 -13.79
C ALA A 267 -7.00 -12.29 -14.55
N ASN A 268 -7.04 -12.49 -15.87
CA ASN A 268 -8.22 -12.15 -16.64
C ASN A 268 -9.42 -13.01 -16.27
N GLU A 269 -9.23 -14.33 -16.18
CA GLU A 269 -10.29 -15.27 -15.81
C GLU A 269 -10.85 -14.98 -14.42
N LEU A 270 -9.99 -14.60 -13.47
CA LEU A 270 -10.42 -14.38 -12.09
C LEU A 270 -11.08 -13.04 -11.87
N THR A 271 -11.01 -12.10 -12.82
CA THR A 271 -11.59 -10.76 -12.64
C THR A 271 -12.77 -10.50 -13.60
N ASN A 272 -13.14 -11.50 -14.41
CA ASN A 272 -14.31 -11.42 -15.29
C ASN A 272 -15.47 -12.20 -14.65
N PRO A 273 -16.70 -11.63 -14.53
CA PRO A 273 -17.81 -12.42 -13.95
C PRO A 273 -18.29 -13.50 -14.92
N LYS B 1 3.03 1.29 7.24
CA LYS B 1 3.23 2.74 7.32
C LYS B 1 2.91 3.19 8.71
N ARG B 2 3.76 4.06 9.27
CA ARG B 2 3.53 4.59 10.62
C ARG B 2 3.16 6.04 10.54
N ASP B 3 2.30 6.50 11.46
CA ASP B 3 1.90 7.90 11.55
C ASP B 3 2.82 8.62 12.54
N PRO B 4 3.81 9.43 12.07
CA PRO B 4 4.74 10.06 13.02
C PRO B 4 4.13 11.13 13.94
N VAL B 5 2.90 11.57 13.66
CA VAL B 5 2.24 12.62 14.43
C VAL B 5 1.18 12.03 15.36
N TYR B 6 1.09 10.69 15.46
CA TYR B 6 0.05 10.03 16.23
C TYR B 6 0.06 10.38 17.73
N PHE B 7 1.21 10.31 18.37
CA PHE B 7 1.24 10.49 19.82
C PHE B 7 1.12 11.95 20.31
N ILE B 8 1.16 12.97 19.41
CA ILE B 8 0.99 14.40 19.78
C ILE B 8 -0.28 14.61 20.62
N LYS B 9 -1.44 14.08 20.15
CA LYS B 9 -2.75 14.19 20.82
C LYS B 9 -2.74 13.56 22.21
N LEU B 10 -1.89 12.55 22.42
CA LEU B 10 -1.79 11.82 23.67
C LEU B 10 -0.81 12.46 24.65
N SER B 11 0.31 13.02 24.14
CA SER B 11 1.40 13.59 24.94
C SER B 11 1.12 15.00 25.47
N THR B 12 0.14 15.71 24.88
CA THR B 12 -0.21 17.08 25.29
C THR B 12 -1.35 17.12 26.34
N ILE B 13 -1.82 15.95 26.82
CA ILE B 13 -2.87 15.84 27.86
C ILE B 13 -2.47 14.77 28.91
N LYS B 14 -3.23 14.72 30.05
CA LYS B 14 -3.05 13.78 31.16
C LYS B 14 -3.16 12.33 30.71
CA CA C . 18.95 7.83 4.88
CA CA D . 17.53 6.41 -3.87
ZN ZN E . 6.54 1.70 4.75
C1 EOH F . -1.94 -5.07 19.04
C2 EOH F . -2.53 -6.21 19.85
O EOH F . -0.58 -5.08 19.35
C1 EOH G . -12.81 15.81 -2.04
C2 EOH G . -13.57 16.81 -1.16
O EOH G . -11.84 15.25 -1.17
C1 CIT H . 5.01 -2.18 6.73
O1 CIT H . 4.40 -1.30 6.15
O2 CIT H . 5.00 -3.41 6.37
C2 CIT H . 5.88 -1.93 7.94
C3 CIT H . 6.14 -0.43 8.20
O7 CIT H . 4.99 0.15 8.79
C4 CIT H . 7.26 -0.25 9.22
C5 CIT H . 6.97 -0.85 10.57
O3 CIT H . 5.85 -0.87 11.07
O4 CIT H . 7.99 -1.42 11.12
C6 CIT H . 6.45 0.28 6.89
O5 CIT H . 5.82 1.25 6.47
O6 CIT H . 7.43 -0.26 6.25
#